data_9JZS
#
_entry.id   9JZS
#
_cell.length_a   69.000
_cell.length_b   69.000
_cell.length_c   80.274
_cell.angle_alpha   90.00
_cell.angle_beta   90.00
_cell.angle_gamma   120.00
#
_symmetry.space_group_name_H-M   'P 31 2 1'
#
loop_
_entity.id
_entity.type
_entity.pdbx_description
1 polymer 'Peptidyl-prolyl cis-trans isomerase NIMA-interacting 1'
2 non-polymer '(2S)-2,3-dihydro-1H-indole-2-carboxylic acid'
3 non-polymer 3,6,9,12,15,18,21-HEPTAOXATRICOSANE-1,23-DIOL
4 non-polymer 'SULFATE ION'
5 water water
#
_entity_poly.entity_id   1
_entity_poly.type   'polypeptide(L)'
_entity_poly.pdbx_seq_one_letter_code
;MADEEKLPPGWEKAMSRSSGRVYYFNHITNASQWERPSGNSSSGGKNGQGEPARVRCSHLLVKHSQSRRPSSWRQEKITR
TKEEALELINGYIQKIKSGEEDFESLASQFSDCSSAKARGDLGAFSRGQMQKPFEDASFALRTGEMSGPVFTDSGIHIIL
RTE
;
_entity_poly.pdbx_strand_id   A
#
loop_
_chem_comp.id
_chem_comp.type
_chem_comp.name
_chem_comp.formula
PE8 non-polymer 3,6,9,12,15,18,21-HEPTAOXATRICOSANE-1,23-DIOL 'C16 H34 O9'
SO4 non-polymer 'SULFATE ION' 'O4 S -2'
#
# COMPACT_ATOMS: atom_id res chain seq x y z
N LYS A 6 14.80 10.33 17.07
CA LYS A 6 13.62 11.20 17.04
C LYS A 6 12.33 10.41 16.83
N LEU A 7 12.10 9.91 15.61
CA LEU A 7 10.85 9.30 15.17
C LEU A 7 11.06 7.85 14.73
N PRO A 8 9.98 7.05 14.68
CA PRO A 8 10.12 5.63 14.32
C PRO A 8 10.60 5.45 12.89
N PRO A 9 11.04 4.24 12.54
CA PRO A 9 11.77 4.04 11.27
C PRO A 9 11.01 4.51 10.04
N GLY A 10 11.67 5.35 9.24
CA GLY A 10 11.13 5.84 7.99
C GLY A 10 10.44 7.18 8.07
N TRP A 11 10.09 7.65 9.26
CA TRP A 11 9.24 8.82 9.44
C TRP A 11 10.07 10.10 9.48
N GLU A 12 9.53 11.15 8.84
CA GLU A 12 10.12 12.48 8.87
C GLU A 12 9.02 13.52 8.99
N LYS A 13 9.40 14.72 9.39
CA LYS A 13 8.52 15.88 9.38
C LYS A 13 8.52 16.55 8.01
N ALA A 14 7.38 17.12 7.67
CA ALA A 14 7.29 17.90 6.44
C ALA A 14 6.31 19.04 6.69
N MET A 15 6.25 19.97 5.75
CA MET A 15 5.30 21.07 5.82
C MET A 15 4.30 20.95 4.69
N SER A 16 3.03 21.14 5.06
CA SER A 16 1.96 21.15 4.06
C SER A 16 2.12 22.42 3.21
N ARG A 17 2.03 22.26 1.90
CA ARG A 17 2.08 23.45 1.01
C ARG A 17 0.77 24.23 1.08
N SER A 18 -0.37 23.55 1.27
CA SER A 18 -1.62 24.29 1.20
C SER A 18 -1.99 24.93 2.54
N SER A 19 -1.63 24.31 3.66
CA SER A 19 -2.06 24.78 4.97
C SER A 19 -0.94 25.31 5.85
N GLY A 20 0.32 25.05 5.51
CA GLY A 20 1.42 25.43 6.37
C GLY A 20 1.56 24.63 7.66
N ARG A 21 0.69 23.65 7.90
CA ARG A 21 0.79 22.90 9.13
C ARG A 21 1.73 21.72 8.92
N VAL A 22 2.47 21.37 9.97
CA VAL A 22 3.41 20.26 9.85
C VAL A 22 2.64 18.95 9.75
N TYR A 23 3.24 17.97 9.08
CA TYR A 23 2.65 16.64 9.01
C TYR A 23 3.80 15.65 9.02
N TYR A 24 3.48 14.37 8.95
CA TYR A 24 4.49 13.32 8.99
C TYR A 24 4.36 12.41 7.78
N PHE A 25 5.51 12.04 7.24
CA PHE A 25 5.65 11.26 6.02
C PHE A 25 6.63 10.13 6.29
N ASN A 26 6.38 8.96 5.73
CA ASN A 26 7.27 7.82 5.87
C ASN A 26 7.80 7.47 4.48
N HIS A 27 9.13 7.55 4.30
CA HIS A 27 9.66 7.38 2.96
C HIS A 27 9.82 5.90 2.60
N ILE A 28 9.63 5.00 3.55
CA ILE A 28 9.62 3.56 3.26
C ILE A 28 8.23 3.08 2.86
N THR A 29 7.18 3.59 3.51
CA THR A 29 5.82 3.13 3.23
C THR A 29 5.01 4.08 2.37
N ASN A 30 5.50 5.30 2.12
CA ASN A 30 4.77 6.40 1.48
C ASN A 30 3.50 6.78 2.25
N ALA A 31 3.44 6.42 3.53
CA ALA A 31 2.36 6.90 4.37
C ALA A 31 2.53 8.38 4.65
N SER A 32 1.40 9.06 4.86
CA SER A 32 1.44 10.44 5.33
C SER A 32 0.20 10.74 6.17
N GLN A 33 0.35 11.58 7.19
CA GLN A 33 -0.71 11.81 8.16
C GLN A 33 -0.36 13.07 8.95
N TRP A 34 -1.37 13.70 9.56
CA TRP A 34 -1.14 14.91 10.37
C TRP A 34 -0.55 14.54 11.73
N GLU A 35 -1.01 13.44 12.33
CA GLU A 35 -0.63 13.03 13.69
C GLU A 35 0.79 12.45 13.79
N ARG A 36 1.48 12.80 14.89
CA ARG A 36 2.85 12.35 15.16
C ARG A 36 2.87 10.85 15.40
N PRO A 37 3.68 10.10 14.68
CA PRO A 37 3.64 8.64 14.76
C PRO A 37 4.01 8.10 16.14
N SER A 38 3.44 6.92 16.43
CA SER A 38 3.48 6.34 17.77
C SER A 38 4.80 5.64 18.06
N GLY A 39 5.37 5.90 19.24
CA GLY A 39 6.55 5.19 19.74
C GLY A 39 7.72 5.02 18.78
N GLU A 51 12.61 -5.86 15.51
CA GLU A 51 11.53 -6.06 14.56
C GLU A 51 11.16 -7.54 14.52
N PRO A 52 9.89 -7.86 14.27
CA PRO A 52 9.43 -9.24 14.38
C PRO A 52 9.96 -10.11 13.24
N ALA A 53 10.06 -11.41 13.52
CA ALA A 53 10.47 -12.35 12.49
C ALA A 53 9.51 -12.33 11.31
N ARG A 54 8.22 -12.11 11.57
CA ARG A 54 7.19 -12.27 10.56
C ARG A 54 6.14 -11.19 10.73
N VAL A 55 5.53 -10.78 9.62
CA VAL A 55 4.38 -9.89 9.62
C VAL A 55 3.33 -10.52 8.71
N ARG A 56 2.07 -10.16 8.95
CA ARG A 56 0.96 -10.54 8.10
C ARG A 56 0.35 -9.30 7.47
N CYS A 57 0.14 -9.33 6.15
CA CYS A 57 -0.37 -8.17 5.45
C CYS A 57 -1.43 -8.58 4.44
N SER A 58 -2.34 -7.66 4.18
CA SER A 58 -3.18 -7.69 2.99
C SER A 58 -2.70 -6.61 2.04
N HIS A 59 -3.06 -6.74 0.77
CA HIS A 59 -2.77 -5.65 -0.14
C HIS A 59 -3.85 -5.54 -1.21
N LEU A 60 -3.83 -4.38 -1.88
CA LEU A 60 -4.61 -4.09 -3.07
C LEU A 60 -3.61 -3.69 -4.14
N LEU A 61 -3.60 -4.43 -5.24
CA LEU A 61 -2.64 -4.23 -6.32
C LEU A 61 -3.37 -3.65 -7.51
N VAL A 62 -2.82 -2.59 -8.08
CA VAL A 62 -3.32 -2.08 -9.35
C VAL A 62 -2.18 -2.24 -10.34
N LYS A 63 -2.37 -3.10 -11.33
CA LYS A 63 -1.39 -3.33 -12.36
C LYS A 63 -1.48 -2.24 -13.42
N HIS A 64 -0.48 -2.22 -14.31
CA HIS A 64 -0.44 -1.28 -15.41
C HIS A 64 0.36 -1.92 -16.54
N SER A 65 0.55 -1.17 -17.62
CA SER A 65 1.13 -1.73 -18.84
C SER A 65 2.60 -2.14 -18.68
N GLN A 66 3.32 -1.59 -17.69
CA GLN A 66 4.70 -1.99 -17.46
C GLN A 66 4.88 -2.96 -16.29
N SER A 67 3.78 -3.53 -15.79
CA SER A 67 3.89 -4.60 -14.82
C SER A 67 4.58 -5.81 -15.43
N ARG A 68 5.21 -6.63 -14.58
CA ARG A 68 5.93 -7.80 -15.08
C ARG A 68 5.01 -8.73 -15.86
N ARG A 69 3.78 -8.91 -15.39
CA ARG A 69 2.76 -9.63 -16.13
C ARG A 69 1.52 -8.75 -16.23
N PRO A 70 1.29 -8.11 -17.37
CA PRO A 70 0.18 -7.15 -17.50
C PRO A 70 -1.16 -7.83 -17.75
N SER A 71 -1.56 -8.68 -16.81
CA SER A 71 -2.79 -9.45 -16.86
C SER A 71 -3.20 -9.80 -15.45
N SER A 72 -4.49 -10.02 -15.25
CA SER A 72 -5.01 -10.38 -13.93
C SER A 72 -6.38 -11.03 -14.09
N TRP A 73 -6.91 -11.54 -12.98
CA TRP A 73 -8.25 -12.12 -13.03
C TRP A 73 -9.30 -11.10 -13.46
N ARG A 74 -9.02 -9.79 -13.32
CA ARG A 74 -9.98 -8.78 -13.74
C ARG A 74 -9.93 -8.50 -15.24
N GLN A 75 -8.74 -8.57 -15.83
CA GLN A 75 -8.54 -8.17 -17.23
C GLN A 75 -7.49 -9.06 -17.85
N GLU A 76 -7.83 -9.67 -18.99
CA GLU A 76 -6.87 -10.50 -19.70
C GLU A 76 -5.68 -9.66 -20.14
N LYS A 77 -5.93 -8.50 -20.76
CA LYS A 77 -4.89 -7.55 -21.15
C LYS A 77 -5.08 -6.27 -20.36
N ILE A 78 -4.15 -5.98 -19.45
CA ILE A 78 -4.18 -4.74 -18.69
C ILE A 78 -3.42 -3.69 -19.49
N THR A 79 -4.12 -2.62 -19.87
CA THR A 79 -3.60 -1.61 -20.76
C THR A 79 -3.39 -0.26 -20.11
N ARG A 80 -3.92 -0.04 -18.91
CA ARG A 80 -3.81 1.27 -18.27
C ARG A 80 -2.34 1.64 -18.04
N THR A 81 -2.08 2.94 -18.04
CA THR A 81 -0.75 3.48 -17.82
C THR A 81 -0.40 3.49 -16.33
N LYS A 82 0.91 3.46 -16.06
CA LYS A 82 1.47 3.65 -14.73
C LYS A 82 0.80 4.82 -14.01
N GLU A 83 0.61 5.93 -14.74
CA GLU A 83 0.04 7.12 -14.13
C GLU A 83 -1.44 6.93 -13.82
N GLU A 84 -2.16 6.24 -14.71
CA GLU A 84 -3.57 5.91 -14.47
C GLU A 84 -3.70 4.97 -13.28
N ALA A 85 -2.78 4.00 -13.17
CA ALA A 85 -2.80 3.10 -12.02
C ALA A 85 -2.57 3.86 -10.72
N LEU A 86 -1.61 4.79 -10.71
CA LEU A 86 -1.37 5.58 -9.50
C LEU A 86 -2.60 6.40 -9.12
N GLU A 87 -3.31 6.95 -10.10
CA GLU A 87 -4.51 7.72 -9.79
C GLU A 87 -5.57 6.83 -9.14
N LEU A 88 -5.72 5.61 -9.64
CA LEU A 88 -6.67 4.67 -9.03
C LEU A 88 -6.28 4.35 -7.60
N ILE A 89 -4.99 4.04 -7.37
CA ILE A 89 -4.50 3.82 -6.02
C ILE A 89 -4.78 5.03 -5.13
N ASN A 90 -4.48 6.23 -5.64
CA ASN A 90 -4.75 7.43 -4.84
C ASN A 90 -6.23 7.54 -4.48
N GLY A 91 -7.12 7.24 -5.44
CA GLY A 91 -8.54 7.31 -5.15
C GLY A 91 -8.99 6.29 -4.11
N TYR A 92 -8.49 5.06 -4.20
CA TYR A 92 -8.82 4.05 -3.19
C TYR A 92 -8.34 4.46 -1.80
N ILE A 93 -7.14 5.03 -1.70
CA ILE A 93 -6.67 5.51 -0.40
C ILE A 93 -7.59 6.59 0.15
N GLN A 94 -8.04 7.52 -0.70
CA GLN A 94 -8.96 8.57 -0.21
C GLN A 94 -10.24 7.94 0.34
N LYS A 95 -10.80 6.96 -0.37
CA LYS A 95 -12.04 6.34 0.10
C LYS A 95 -11.82 5.52 1.36
N ILE A 96 -10.65 4.89 1.50
CA ILE A 96 -10.37 4.16 2.75
C ILE A 96 -10.21 5.13 3.90
N LYS A 97 -9.48 6.24 3.68
CA LYS A 97 -9.22 7.18 4.75
C LYS A 97 -10.46 7.94 5.17
N SER A 98 -11.35 8.23 4.23
CA SER A 98 -12.62 8.88 4.55
C SER A 98 -13.60 7.92 5.19
N GLY A 99 -13.34 6.62 5.15
CA GLY A 99 -14.27 5.63 5.66
C GLY A 99 -15.46 5.38 4.78
N GLU A 100 -15.44 5.91 3.57
CA GLU A 100 -16.50 5.64 2.60
C GLU A 100 -16.46 4.18 2.15
N GLU A 101 -15.27 3.58 2.10
CA GLU A 101 -15.11 2.18 1.71
C GLU A 101 -14.06 1.53 2.59
N ASP A 102 -14.29 0.26 2.94
CA ASP A 102 -13.31 -0.51 3.69
C ASP A 102 -12.19 -1.01 2.77
N PHE A 103 -10.99 -1.15 3.33
CA PHE A 103 -9.88 -1.74 2.57
C PHE A 103 -10.26 -3.08 1.96
N GLU A 104 -10.82 -3.98 2.78
CA GLU A 104 -11.14 -5.33 2.33
C GLU A 104 -12.11 -5.33 1.15
N SER A 105 -13.10 -4.44 1.20
CA SER A 105 -14.08 -4.32 0.13
C SER A 105 -13.44 -3.91 -1.17
N LEU A 106 -12.55 -2.92 -1.12
CA LEU A 106 -11.88 -2.47 -2.33
C LEU A 106 -10.91 -3.51 -2.84
N ALA A 107 -10.22 -4.22 -1.94
CA ALA A 107 -9.30 -5.25 -2.40
C ALA A 107 -10.06 -6.39 -3.06
N SER A 108 -11.18 -6.81 -2.45
CA SER A 108 -11.97 -7.89 -3.04
C SER A 108 -12.47 -7.53 -4.42
N GLN A 109 -12.87 -6.27 -4.60
CA GLN A 109 -13.46 -5.87 -5.87
C GLN A 109 -12.45 -5.46 -6.92
N PHE A 110 -11.30 -4.88 -6.53
CA PHE A 110 -10.47 -4.20 -7.51
C PHE A 110 -9.00 -4.57 -7.53
N SER A 111 -8.52 -5.41 -6.62
CA SER A 111 -7.11 -5.80 -6.66
C SER A 111 -6.86 -6.72 -7.85
N ASP A 112 -5.77 -6.44 -8.58
CA ASP A 112 -5.33 -7.27 -9.69
C ASP A 112 -4.50 -8.47 -9.24
N CYS A 113 -4.52 -8.77 -7.95
CA CYS A 113 -3.85 -9.95 -7.42
C CYS A 113 -4.92 -10.98 -7.09
N SER A 114 -4.58 -12.27 -7.25
CA SER A 114 -5.57 -13.32 -6.95
C SER A 114 -5.95 -13.32 -5.47
N SER A 115 -5.15 -12.67 -4.62
CA SER A 115 -5.51 -12.56 -3.21
C SER A 115 -6.73 -11.69 -3.00
N ALA A 116 -7.24 -11.02 -4.05
CA ALA A 116 -8.52 -10.34 -3.97
C ALA A 116 -9.60 -11.28 -3.41
N LYS A 117 -9.53 -12.57 -3.76
CA LYS A 117 -10.54 -13.52 -3.30
C LYS A 117 -10.46 -13.79 -1.80
N ALA A 118 -9.37 -13.41 -1.13
CA ALA A 118 -9.27 -13.50 0.31
C ALA A 118 -9.14 -12.11 0.93
N ARG A 119 -9.91 -11.17 0.38
CA ARG A 119 -9.93 -9.78 0.83
C ARG A 119 -8.52 -9.20 0.87
N GLY A 120 -7.64 -9.71 0.01
CA GLY A 120 -6.30 -9.18 -0.14
C GLY A 120 -5.28 -9.78 0.80
N ASP A 121 -5.70 -10.68 1.69
CA ASP A 121 -4.80 -11.29 2.66
C ASP A 121 -3.74 -12.14 1.97
N LEU A 122 -2.47 -11.90 2.34
CA LEU A 122 -1.35 -12.67 1.87
C LEU A 122 -0.81 -13.64 2.91
N GLY A 123 -1.38 -13.64 4.12
CA GLY A 123 -0.84 -14.45 5.19
C GLY A 123 0.43 -13.86 5.78
N ALA A 124 1.06 -14.66 6.62
CA ALA A 124 2.31 -14.24 7.25
C ALA A 124 3.48 -14.50 6.31
N PHE A 125 4.53 -13.69 6.47
CA PHE A 125 5.76 -13.88 5.70
C PHE A 125 6.92 -13.26 6.44
N SER A 126 8.12 -13.69 6.09
CA SER A 126 9.34 -13.16 6.68
C SER A 126 10.10 -12.35 5.64
N ARG A 127 11.18 -11.71 6.09
CA ARG A 127 12.07 -11.05 5.16
C ARG A 127 12.70 -12.08 4.24
N GLY A 128 12.92 -11.69 2.98
CA GLY A 128 13.49 -12.59 1.99
C GLY A 128 12.51 -13.37 1.15
N GLN A 129 11.20 -13.15 1.30
CA GLN A 129 10.23 -13.82 0.45
C GLN A 129 9.56 -12.91 -0.57
N MET A 130 9.36 -11.66 -0.21
CA MET A 130 8.61 -10.78 -1.13
C MET A 130 9.56 -9.81 -1.84
N GLN A 131 9.07 -9.23 -2.92
CA GLN A 131 9.82 -8.16 -3.58
C GLN A 131 10.22 -7.11 -2.57
N LYS A 132 11.45 -6.61 -2.70
CA LYS A 132 12.02 -5.74 -1.67
C LYS A 132 11.21 -4.50 -1.30
N PRO A 133 10.67 -3.70 -2.23
CA PRO A 133 9.88 -2.54 -1.79
C PRO A 133 8.64 -2.93 -1.01
N PHE A 134 8.00 -4.05 -1.39
CA PHE A 134 6.85 -4.54 -0.65
C PHE A 134 7.27 -5.00 0.74
N GLU A 135 8.34 -5.79 0.81
CA GLU A 135 8.85 -6.25 2.10
C GLU A 135 9.22 -5.07 3.00
N ASP A 136 9.95 -4.10 2.46
CA ASP A 136 10.41 -2.99 3.29
C ASP A 136 9.22 -2.21 3.84
N ALA A 137 8.23 -1.94 2.98
CA ALA A 137 7.04 -1.23 3.43
C ALA A 137 6.28 -2.07 4.46
N SER A 138 6.14 -3.38 4.19
CA SER A 138 5.39 -4.24 5.11
C SER A 138 6.01 -4.23 6.52
N PHE A 139 7.33 -4.33 6.61
CA PHE A 139 7.96 -4.40 7.93
C PHE A 139 8.09 -3.04 8.62
N ALA A 140 7.98 -1.93 7.88
CA ALA A 140 7.97 -0.64 8.53
C ALA A 140 6.60 -0.21 9.01
N LEU A 141 5.55 -0.92 8.60
CA LEU A 141 4.22 -0.66 9.09
C LEU A 141 4.09 -1.25 10.49
N ARG A 142 3.39 -0.54 11.38
CA ARG A 142 3.00 -1.14 12.65
C ARG A 142 1.69 -1.88 12.43
N THR A 143 1.40 -2.85 13.30
CA THR A 143 0.13 -3.57 13.19
C THR A 143 -1.03 -2.59 13.16
N GLY A 144 -1.91 -2.73 12.16
CA GLY A 144 -3.04 -1.86 11.99
C GLY A 144 -2.82 -0.72 11.01
N GLU A 145 -1.56 -0.40 10.70
CA GLU A 145 -1.24 0.72 9.81
C GLU A 145 -1.31 0.34 8.34
N MET A 146 -1.43 1.38 7.50
CA MET A 146 -1.59 1.22 6.07
C MET A 146 -0.56 2.07 5.35
N SER A 147 -0.08 1.55 4.23
CA SER A 147 0.92 2.27 3.44
C SER A 147 0.26 3.26 2.49
N GLY A 148 1.08 4.15 1.91
CA GLY A 148 0.69 4.83 0.70
C GLY A 148 1.01 3.95 -0.49
N PRO A 149 1.12 4.54 -1.68
CA PRO A 149 1.50 3.75 -2.85
C PRO A 149 2.89 3.17 -2.71
N VAL A 150 2.98 1.86 -2.93
CA VAL A 150 4.23 1.11 -2.87
C VAL A 150 4.47 0.51 -4.25
N PHE A 151 5.64 0.82 -4.85
CA PHE A 151 5.91 0.48 -6.24
C PHE A 151 6.76 -0.78 -6.30
N THR A 152 6.30 -1.77 -7.08
CA THR A 152 7.10 -2.96 -7.37
C THR A 152 7.00 -3.27 -8.86
N ASP A 153 7.72 -4.33 -9.26
CA ASP A 153 7.60 -4.80 -10.63
C ASP A 153 6.22 -5.36 -10.95
N SER A 154 5.42 -5.72 -9.93
CA SER A 154 4.06 -6.16 -10.21
C SER A 154 3.13 -5.01 -10.55
N GLY A 155 3.38 -3.84 -9.98
CA GLY A 155 2.43 -2.75 -10.08
C GLY A 155 2.55 -1.86 -8.84
N ILE A 156 1.44 -1.23 -8.49
CA ILE A 156 1.37 -0.32 -7.35
C ILE A 156 0.45 -0.94 -6.29
N HIS A 157 0.89 -0.92 -5.04
CA HIS A 157 0.18 -1.60 -3.96
C HIS A 157 -0.27 -0.60 -2.89
N ILE A 158 -1.40 -0.92 -2.25
CA ILE A 158 -1.72 -0.44 -0.91
C ILE A 158 -1.58 -1.62 0.01
N ILE A 159 -0.82 -1.46 1.10
CA ILE A 159 -0.53 -2.55 2.03
C ILE A 159 -1.13 -2.21 3.38
N LEU A 160 -1.83 -3.20 3.98
CA LEU A 160 -2.40 -3.11 5.31
C LEU A 160 -1.75 -4.18 6.17
N ARG A 161 -1.08 -3.79 7.24
CA ARG A 161 -0.47 -4.78 8.13
C ARG A 161 -1.49 -5.23 9.15
N THR A 162 -1.76 -6.54 9.20
CA THR A 162 -2.79 -7.03 10.12
C THR A 162 -2.22 -7.75 11.35
N GLU A 163 -1.01 -8.30 11.27
CA GLU A 163 -0.32 -8.89 12.42
C GLU A 163 1.18 -8.64 12.36
C A1AT6 B . 5.96 -9.64 -4.28
CA A1AT6 B . 4.95 -8.50 -4.01
CB A1AT6 B . 3.83 -9.02 -3.11
C18 A1AT6 B . 2.81 -9.49 -4.10
C19 A1AT6 B . 3.09 -8.93 -5.35
C20 A1AT6 B . 2.30 -9.18 -6.46
C21 A1AT6 B . 1.22 -10.03 -6.28
C22 A1AT6 B . 0.94 -10.61 -5.05
C23 A1AT6 B . 1.74 -10.34 -3.95
N A1AT6 B . 4.23 -8.13 -5.21
O A1AT6 B . 6.68 -9.94 -3.36
OXT A1AT6 B . 5.94 -10.15 -5.38
O1 PE8 C . -1.25 7.09 4.40
C2 PE8 C . -1.19 6.70 3.03
C3 PE8 C . -1.05 7.86 2.09
O4 PE8 C . -2.17 8.73 2.18
C5 PE8 C . -2.32 9.53 1.01
C6 PE8 C . -2.82 10.88 1.39
O7 PE8 C . -3.72 10.77 2.48
C8 PE8 C . -4.98 11.36 2.20
C9 PE8 C . -4.99 12.71 2.75
O10 PE8 C . -4.85 12.67 4.17
C11 PE8 C . -3.56 13.12 4.57
C12 PE8 C . -3.62 13.78 5.90
O13 PE8 C . -2.37 14.42 6.11
C14 PE8 C . -2.01 15.23 5.00
C15 PE8 C . -0.72 15.92 5.27
O16 PE8 C . -0.28 16.55 4.09
C17 PE8 C . -0.10 15.62 3.01
C18 PE8 C . 0.61 16.25 1.86
O19 PE8 C . 0.97 15.22 0.94
C20 PE8 C . -0.17 14.55 0.41
C21 PE8 C . 0.26 13.34 -0.36
O22 PE8 C . -0.84 12.45 -0.48
C23 PE8 C . -1.88 12.94 -1.32
C24 PE8 C . -1.76 12.32 -2.69
O25 PE8 C . -2.85 12.67 -3.53
S SO4 D . 3.44 -3.37 16.17
O1 SO4 D . 4.56 -3.01 16.98
O2 SO4 D . 3.85 -3.48 14.80
O3 SO4 D . 2.91 -4.62 16.62
O4 SO4 D . 2.44 -2.35 16.27
S SO4 E . 3.12 -10.25 -11.39
O1 SO4 E . 3.17 -10.15 -9.94
O2 SO4 E . 3.18 -8.93 -12.04
O3 SO4 E . 4.28 -11.03 -11.83
O4 SO4 E . 1.88 -10.93 -11.75
#